data_7BLJ
#
_entry.id   7BLJ
#
_cell.length_a   35.541
_cell.length_b   64.965
_cell.length_c   70.603
_cell.angle_alpha   90.000
_cell.angle_beta   90.000
_cell.angle_gamma   90.000
#
_symmetry.space_group_name_H-M   'P 21 21 21'
#
loop_
_entity.id
_entity.type
_entity.pdbx_description
1 polymer 'family 32 carbohydrate-binding module from Bacteroides thetaiotaomicron'
2 branched beta-D-galactopyranose-(1-3)-[2-acetamido-2-deoxy-beta-D-glucopyranose-(1-6)]2-acetamido-2-deoxy-alpha-D-galactopyranose
3 non-polymer 1,2-ETHANEDIOL
4 non-polymer THREONINE
5 non-polymer 'CALCIUM ION'
6 water water
#
_entity_poly.entity_id   1
_entity_poly.type   'polypeptide(L)'
_entity_poly.pdbx_seq_one_letter_code
;MGSSHHHHHHSSGPQQGLRKGDIKIKIVSGTASSFQSGSNIEKSFDGDYSTLYHSSWSNGASNYFPITLTYNFETVTDVD
YLIYHPRNNGNNGRFKETEIQYSADGHTFTKLIDKDFQGSATAGKVTFDQTIQAKSFRFIVKSGSGDGQGFASCAEMEFF
AK
;
_entity_poly.pdbx_strand_id   A
#
loop_
_chem_comp.id
_chem_comp.type
_chem_comp.name
_chem_comp.formula
A2G D-saccharide, alpha linking 2-acetamido-2-deoxy-alpha-D-galactopyranose 'C8 H15 N O6'
CA non-polymer 'CALCIUM ION' 'Ca 2'
EDO non-polymer 1,2-ETHANEDIOL 'C2 H6 O2'
GAL D-saccharide, beta linking beta-D-galactopyranose 'C6 H12 O6'
NAG D-saccharide, beta linking 2-acetamido-2-deoxy-beta-D-glucopyranose 'C8 H15 N O6'
#
# COMPACT_ATOMS: atom_id res chain seq x y z
N GLY A 21 -13.34 -11.35 -15.39
CA GLY A 21 -12.86 -10.40 -16.36
C GLY A 21 -11.45 -9.91 -16.08
N ASP A 22 -11.29 -9.15 -15.00
CA ASP A 22 -9.98 -8.60 -14.65
C ASP A 22 -9.14 -9.65 -13.94
N ILE A 23 -7.84 -9.56 -14.11
CA ILE A 23 -6.89 -10.55 -13.58
C ILE A 23 -6.17 -9.92 -12.39
N LYS A 24 -6.19 -10.61 -11.25
CA LYS A 24 -5.49 -10.15 -10.06
C LYS A 24 -4.02 -10.57 -10.13
N ILE A 25 -3.11 -9.65 -9.80
CA ILE A 25 -1.67 -9.94 -9.86
C ILE A 25 -1.20 -10.46 -8.51
N LYS A 26 -0.42 -11.54 -8.53
CA LYS A 26 0.05 -12.18 -7.31
C LYS A 26 1.23 -11.41 -6.71
N ILE A 27 1.05 -10.91 -5.49
CA ILE A 27 2.15 -10.31 -4.73
C ILE A 27 2.90 -11.43 -4.02
N VAL A 28 4.20 -11.52 -4.26
CA VAL A 28 4.99 -12.61 -3.68
C VAL A 28 5.78 -12.19 -2.45
N SER A 29 6.01 -10.89 -2.27
CA SER A 29 6.81 -10.41 -1.15
C SER A 29 6.61 -8.91 -1.06
N GLY A 30 7.11 -8.33 0.04
CA GLY A 30 7.05 -6.89 0.19
C GLY A 30 7.91 -6.46 1.36
N THR A 31 7.97 -5.14 1.56
CA THR A 31 8.69 -4.57 2.68
C THR A 31 7.94 -3.35 3.22
N ALA A 32 8.20 -3.06 4.49
CA ALA A 32 7.62 -1.89 5.16
C ALA A 32 8.72 -1.24 5.98
N SER A 33 8.83 0.10 5.87
CA SER A 33 9.82 0.81 6.67
C SER A 33 9.43 0.87 8.15
N SER A 34 8.15 0.62 8.46
CA SER A 34 7.65 0.61 9.82
C SER A 34 6.61 -0.49 9.96
N PHE A 35 6.79 -1.36 10.94
CA PHE A 35 5.76 -2.37 11.20
C PHE A 35 5.77 -2.74 12.68
N GLN A 36 4.58 -3.13 13.16
CA GLN A 36 4.43 -3.76 14.47
C GLN A 36 4.61 -5.26 14.31
N SER A 37 5.40 -5.86 15.20
N SER A 37 5.39 -5.85 15.22
CA SER A 37 5.69 -7.28 15.07
CA SER A 37 5.60 -7.30 15.22
C SER A 37 4.39 -8.08 15.12
C SER A 37 4.28 -8.04 15.08
N GLY A 38 4.24 -8.98 14.15
CA GLY A 38 3.01 -9.73 13.90
C GLY A 38 2.09 -9.09 12.89
N SER A 39 2.36 -7.84 12.50
CA SER A 39 1.57 -7.06 11.56
C SER A 39 2.45 -6.55 10.41
N ASN A 40 3.41 -7.35 9.97
CA ASN A 40 4.28 -6.92 8.87
C ASN A 40 3.51 -6.89 7.56
N ILE A 41 4.21 -6.45 6.50
CA ILE A 41 3.57 -6.09 5.25
C ILE A 41 2.82 -7.26 4.61
N GLU A 42 3.28 -8.49 4.86
CA GLU A 42 2.67 -9.64 4.19
C GLU A 42 1.26 -9.92 4.68
N LYS A 43 0.88 -9.37 5.84
CA LYS A 43 -0.52 -9.45 6.26
C LYS A 43 -1.45 -8.64 5.37
N SER A 44 -0.93 -7.80 4.48
CA SER A 44 -1.76 -7.07 3.53
C SER A 44 -1.79 -7.74 2.16
N PHE A 45 -1.24 -8.94 2.01
CA PHE A 45 -1.47 -9.69 0.78
C PHE A 45 -1.66 -11.18 1.09
N ASP A 46 -2.37 -11.49 2.17
CA ASP A 46 -2.70 -12.85 2.51
C ASP A 46 -4.14 -13.21 2.15
N GLY A 47 -4.85 -12.33 1.44
CA GLY A 47 -6.22 -12.58 1.02
C GLY A 47 -7.26 -12.44 2.10
N ASP A 48 -6.88 -12.05 3.30
CA ASP A 48 -7.78 -12.00 4.45
C ASP A 48 -8.04 -10.55 4.80
N TYR A 49 -9.29 -10.12 4.67
CA TYR A 49 -9.60 -8.70 4.92
C TYR A 49 -9.65 -8.37 6.40
N SER A 50 -9.45 -9.35 7.28
CA SER A 50 -9.43 -9.10 8.71
C SER A 50 -8.01 -8.99 9.28
N THR A 51 -7.01 -9.51 8.59
CA THR A 51 -5.63 -9.38 9.03
C THR A 51 -5.02 -8.09 8.46
N LEU A 52 -4.20 -7.43 9.26
CA LEU A 52 -3.70 -6.10 8.91
C LEU A 52 -2.18 -6.08 8.84
N TYR A 53 -1.66 -5.43 7.80
CA TYR A 53 -0.37 -4.75 7.95
C TYR A 53 -0.59 -3.54 8.86
N HIS A 54 0.31 -3.34 9.84
CA HIS A 54 0.16 -2.17 10.70
C HIS A 54 1.55 -1.61 11.02
N SER A 55 1.71 -0.31 10.84
CA SER A 55 2.96 0.36 11.18
C SER A 55 3.23 0.24 12.68
N SER A 56 4.46 0.54 13.09
CA SER A 56 4.82 0.41 14.51
C SER A 56 3.85 1.19 15.40
N TRP A 57 3.47 0.59 16.52
CA TRP A 57 2.61 1.29 17.46
C TRP A 57 3.32 2.48 18.11
N SER A 58 4.65 2.50 18.05
CA SER A 58 5.43 3.62 18.59
C SER A 58 5.45 4.75 17.56
N ASN A 59 4.40 5.59 17.59
CA ASN A 59 4.22 6.61 16.58
C ASN A 59 4.49 8.03 17.09
N GLY A 60 5.39 8.18 18.05
CA GLY A 60 5.69 9.49 18.61
C GLY A 60 6.80 10.29 17.98
N ALA A 61 7.64 9.65 17.16
CA ALA A 61 8.81 10.32 16.59
C ALA A 61 8.46 11.38 15.55
N SER A 62 9.26 12.46 15.50
CA SER A 62 9.03 13.48 14.48
C SER A 62 9.21 12.94 13.06
N ASN A 63 10.06 11.93 12.89
CA ASN A 63 10.32 11.33 11.58
C ASN A 63 9.61 10.00 11.39
N TYR A 64 8.50 9.79 12.11
CA TYR A 64 7.76 8.54 12.00
C TYR A 64 7.17 8.37 10.60
N PHE A 65 6.54 9.45 10.08
CA PHE A 65 6.12 9.56 8.69
C PHE A 65 7.21 10.30 7.94
N PRO A 66 7.40 10.00 6.65
CA PRO A 66 6.60 9.04 5.89
C PRO A 66 6.96 7.59 6.13
N ILE A 67 6.03 6.71 5.78
CA ILE A 67 6.20 5.26 5.87
C ILE A 67 6.18 4.71 4.45
N THR A 68 7.16 3.88 4.12
CA THR A 68 7.32 3.42 2.74
C THR A 68 7.00 1.93 2.67
N LEU A 69 6.08 1.58 1.78
CA LEU A 69 5.57 0.22 1.66
C LEU A 69 5.88 -0.25 0.24
N THR A 70 6.46 -1.45 0.10
CA THR A 70 6.82 -1.96 -1.22
C THR A 70 6.19 -3.33 -1.42
N TYR A 71 5.52 -3.50 -2.56
CA TYR A 71 4.85 -4.74 -2.93
C TYR A 71 5.50 -5.27 -4.21
N ASN A 72 5.91 -6.54 -4.19
CA ASN A 72 6.70 -7.14 -5.26
C ASN A 72 5.92 -8.27 -5.92
N PHE A 73 5.97 -8.31 -7.25
CA PHE A 73 5.52 -9.43 -8.05
C PHE A 73 6.70 -10.34 -8.38
N GLU A 74 6.40 -11.52 -8.94
CA GLU A 74 7.46 -12.45 -9.32
C GLU A 74 8.28 -11.89 -10.48
N THR A 75 7.61 -11.22 -11.42
N THR A 75 7.63 -11.20 -11.42
CA THR A 75 8.24 -10.73 -12.63
CA THR A 75 8.34 -10.64 -12.57
C THR A 75 7.56 -9.42 -13.00
C THR A 75 7.58 -9.41 -13.06
N VAL A 76 8.20 -8.66 -13.90
N VAL A 76 8.18 -8.72 -14.03
CA VAL A 76 7.52 -7.49 -14.42
CA VAL A 76 7.54 -7.55 -14.61
C VAL A 76 6.20 -7.94 -15.05
C VAL A 76 6.18 -7.95 -15.16
N THR A 77 5.14 -7.18 -14.83
CA THR A 77 3.78 -7.60 -15.14
C THR A 77 2.98 -6.40 -15.61
N ASP A 78 2.01 -6.63 -16.51
CA ASP A 78 1.12 -5.54 -16.92
C ASP A 78 0.12 -5.26 -15.81
N VAL A 79 -0.09 -3.97 -15.48
CA VAL A 79 -1.02 -3.58 -14.42
C VAL A 79 -1.80 -2.35 -14.85
N ASP A 80 -3.11 -2.36 -14.56
CA ASP A 80 -4.01 -1.30 -14.97
C ASP A 80 -4.62 -0.52 -13.81
N TYR A 81 -4.80 -1.13 -12.64
CA TYR A 81 -5.31 -0.40 -11.49
C TYR A 81 -4.97 -1.14 -10.21
N LEU A 82 -5.11 -0.43 -9.09
CA LEU A 82 -4.91 -1.03 -7.77
C LEU A 82 -6.08 -0.67 -6.88
N ILE A 83 -6.31 -1.49 -5.85
CA ILE A 83 -7.29 -1.19 -4.83
C ILE A 83 -6.62 -1.32 -3.47
N TYR A 84 -6.64 -0.24 -2.70
CA TYR A 84 -6.21 -0.25 -1.30
C TYR A 84 -7.43 -0.53 -0.42
N HIS A 85 -7.34 -1.57 0.41
CA HIS A 85 -8.41 -1.87 1.37
C HIS A 85 -7.96 -1.48 2.76
N PRO A 86 -8.52 -0.44 3.38
CA PRO A 86 -8.17 -0.11 4.76
C PRO A 86 -8.77 -1.14 5.71
N ARG A 87 -8.37 -1.06 6.97
CA ARG A 87 -9.03 -1.88 7.99
C ARG A 87 -10.52 -1.61 7.98
N ASN A 88 -11.34 -2.66 8.19
CA ASN A 88 -12.77 -2.43 8.09
C ASN A 88 -13.44 -2.22 9.45
N ASN A 89 -12.66 -2.16 10.52
CA ASN A 89 -13.11 -1.54 11.76
C ASN A 89 -11.91 -0.86 12.40
N GLY A 90 -12.18 0.18 13.19
CA GLY A 90 -11.10 0.96 13.76
C GLY A 90 -10.55 2.02 12.83
N ASN A 91 -9.99 3.09 13.37
CA ASN A 91 -9.57 4.20 12.53
C ASN A 91 -8.06 4.41 12.49
N ASN A 92 -7.26 3.56 13.14
CA ASN A 92 -5.81 3.74 13.16
C ASN A 92 -5.18 3.24 11.86
N GLY A 93 -4.66 4.17 11.05
CA GLY A 93 -3.85 3.84 9.89
C GLY A 93 -4.53 3.96 8.54
N ARG A 94 -5.77 4.43 8.46
CA ARG A 94 -6.37 4.61 7.15
C ARG A 94 -5.55 5.62 6.37
N PHE A 95 -5.07 5.22 5.19
CA PHE A 95 -4.20 6.09 4.43
C PHE A 95 -4.83 7.45 4.19
N LYS A 96 -4.01 8.50 4.28
N LYS A 96 -4.01 8.51 4.26
CA LYS A 96 -4.40 9.83 3.81
CA LYS A 96 -4.43 9.81 3.76
C LYS A 96 -3.56 10.15 2.58
C LYS A 96 -3.56 10.15 2.56
N GLU A 97 -2.67 11.12 2.67
CA GLU A 97 -1.85 11.51 1.51
C GLU A 97 -0.73 10.50 1.24
N THR A 98 -0.63 10.06 -0.01
CA THR A 98 0.44 9.16 -0.42
C THR A 98 1.00 9.58 -1.77
N GLU A 99 2.21 9.09 -2.04
CA GLU A 99 2.78 9.07 -3.37
C GLU A 99 2.90 7.61 -3.79
N ILE A 100 2.40 7.27 -4.98
CA ILE A 100 2.48 5.92 -5.50
C ILE A 100 3.54 5.90 -6.58
N GLN A 101 4.41 4.90 -6.51
CA GLN A 101 5.56 4.74 -7.39
C GLN A 101 5.52 3.32 -7.92
N TYR A 102 6.26 3.07 -8.99
CA TYR A 102 6.43 1.68 -9.39
C TYR A 102 7.80 1.51 -9.99
N SER A 103 8.17 0.25 -10.18
CA SER A 103 9.48 -0.11 -10.71
C SER A 103 9.36 -1.29 -11.64
N ALA A 104 10.07 -1.21 -12.78
CA ALA A 104 10.08 -2.33 -13.71
C ALA A 104 11.12 -3.38 -13.36
N ASP A 105 12.14 -3.04 -12.58
CA ASP A 105 13.15 -4.03 -12.26
C ASP A 105 13.24 -4.32 -10.77
N GLY A 106 12.40 -3.70 -9.95
CA GLY A 106 12.41 -3.92 -8.53
C GLY A 106 13.38 -3.05 -7.77
N HIS A 107 14.22 -2.29 -8.47
CA HIS A 107 15.25 -1.46 -7.88
C HIS A 107 15.05 0.02 -8.18
N THR A 108 14.77 0.39 -9.43
CA THR A 108 14.60 1.78 -9.83
C THR A 108 13.12 2.14 -9.91
N PHE A 109 12.70 3.18 -9.18
CA PHE A 109 11.29 3.51 -9.01
C PHE A 109 10.93 4.81 -9.71
N THR A 110 9.70 4.84 -10.24
CA THR A 110 9.17 5.94 -11.04
C THR A 110 7.90 6.44 -10.37
N LYS A 111 7.78 7.76 -10.22
CA LYS A 111 6.52 8.29 -9.70
C LYS A 111 5.38 7.98 -10.65
N LEU A 112 4.30 7.44 -10.11
CA LEU A 112 3.07 7.23 -10.86
C LEU A 112 2.10 8.37 -10.64
N ILE A 113 1.66 8.57 -9.40
CA ILE A 113 0.70 9.63 -9.11
C ILE A 113 0.73 9.91 -7.62
N ASP A 114 0.35 11.13 -7.24
CA ASP A 114 0.00 11.41 -5.86
C ASP A 114 -1.45 11.03 -5.67
N LYS A 115 -1.75 10.29 -4.59
CA LYS A 115 -3.12 9.88 -4.32
C LYS A 115 -3.44 10.12 -2.85
N ASP A 116 -4.52 10.85 -2.62
CA ASP A 116 -4.99 11.17 -1.27
C ASP A 116 -6.18 10.26 -0.99
N PHE A 117 -5.96 9.24 -0.15
CA PHE A 117 -7.03 8.32 0.20
C PHE A 117 -7.98 8.91 1.25
N GLN A 118 -7.70 10.12 1.71
N GLN A 118 -7.68 10.12 1.72
CA GLN A 118 -8.64 10.91 2.51
CA GLN A 118 -8.57 10.94 2.53
C GLN A 118 -8.97 10.27 3.85
C GLN A 118 -8.94 10.31 3.86
N GLY A 119 -8.18 9.31 4.30
CA GLY A 119 -8.52 8.62 5.53
C GLY A 119 -9.83 7.87 5.43
N SER A 120 -10.25 7.54 4.22
CA SER A 120 -11.53 6.88 4.02
C SER A 120 -11.55 5.52 4.70
N ALA A 121 -12.74 5.14 5.18
CA ALA A 121 -12.94 3.83 5.77
C ALA A 121 -13.27 2.76 4.73
N THR A 122 -13.44 3.14 3.47
CA THR A 122 -13.77 2.20 2.41
C THR A 122 -12.61 2.08 1.42
N ALA A 123 -12.73 1.09 0.53
CA ALA A 123 -11.65 0.81 -0.42
C ALA A 123 -11.37 2.00 -1.33
N GLY A 124 -10.10 2.17 -1.68
CA GLY A 124 -9.72 3.22 -2.61
C GLY A 124 -9.08 2.67 -3.86
N LYS A 125 -9.72 2.88 -4.99
CA LYS A 125 -9.25 2.41 -6.29
C LYS A 125 -8.47 3.50 -7.00
N VAL A 126 -7.35 3.12 -7.61
CA VAL A 126 -6.56 4.05 -8.42
C VAL A 126 -6.41 3.39 -9.79
N THR A 127 -6.89 4.06 -10.83
N THR A 127 -6.96 4.02 -10.82
CA THR A 127 -6.88 3.54 -12.20
CA THR A 127 -6.85 3.52 -12.18
C THR A 127 -5.81 4.33 -12.96
C THR A 127 -5.79 4.32 -12.93
N PHE A 128 -4.87 3.62 -13.57
CA PHE A 128 -3.74 4.27 -14.20
C PHE A 128 -4.17 4.83 -15.55
N ASP A 129 -3.50 5.91 -15.98
CA ASP A 129 -3.82 6.50 -17.28
C ASP A 129 -3.60 5.49 -18.39
N GLN A 130 -2.53 4.69 -18.30
CA GLN A 130 -2.29 3.62 -19.26
C GLN A 130 -1.74 2.42 -18.50
N THR A 131 -1.84 1.25 -19.13
CA THR A 131 -1.21 0.05 -18.61
C THR A 131 0.25 0.33 -18.32
N ILE A 132 0.72 -0.10 -17.15
CA ILE A 132 2.13 0.02 -16.82
C ILE A 132 2.73 -1.35 -16.64
N GLN A 133 4.05 -1.41 -16.79
CA GLN A 133 4.82 -2.65 -16.69
C GLN A 133 5.65 -2.55 -15.42
N ALA A 134 5.26 -3.30 -14.40
CA ALA A 134 5.83 -3.13 -13.07
C ALA A 134 6.17 -4.49 -12.49
N LYS A 135 7.34 -4.57 -11.87
CA LYS A 135 7.63 -5.69 -10.98
C LYS A 135 7.29 -5.37 -9.53
N SER A 136 7.27 -4.09 -9.18
CA SER A 136 7.07 -3.64 -7.82
C SER A 136 6.24 -2.37 -7.83
N PHE A 137 5.44 -2.18 -6.79
CA PHE A 137 4.78 -0.92 -6.47
C PHE A 137 5.26 -0.44 -5.11
N ARG A 138 5.29 0.88 -4.93
CA ARG A 138 5.75 1.48 -3.69
C ARG A 138 4.80 2.60 -3.31
N PHE A 139 4.44 2.65 -2.03
CA PHE A 139 3.60 3.71 -1.49
C PHE A 139 4.44 4.52 -0.52
N ILE A 140 4.56 5.82 -0.76
CA ILE A 140 5.14 6.73 0.23
C ILE A 140 3.96 7.31 0.99
N VAL A 141 3.72 6.80 2.19
CA VAL A 141 2.56 7.21 2.96
C VAL A 141 2.96 8.42 3.79
N LYS A 142 2.45 9.60 3.42
CA LYS A 142 2.85 10.83 4.10
C LYS A 142 2.02 11.11 5.34
N SER A 143 0.79 10.60 5.39
CA SER A 143 -0.11 10.81 6.51
C SER A 143 -1.11 9.67 6.54
N GLY A 144 -1.67 9.45 7.72
CA GLY A 144 -2.66 8.40 7.90
C GLY A 144 -3.46 8.69 9.14
N SER A 145 -4.68 8.17 9.18
CA SER A 145 -5.57 8.51 10.28
C SER A 145 -5.11 7.85 11.59
N GLY A 146 -5.67 8.32 12.71
CA GLY A 146 -5.50 7.56 13.94
C GLY A 146 -5.03 8.41 15.11
N ASP A 147 -4.77 7.71 16.22
CA ASP A 147 -4.34 8.35 17.46
C ASP A 147 -3.05 9.12 17.25
N GLY A 148 -2.91 10.21 18.00
CA GLY A 148 -1.68 10.99 17.90
C GLY A 148 -1.52 11.54 16.49
N GLN A 149 -0.30 11.44 15.95
CA GLN A 149 -0.11 11.91 14.59
C GLN A 149 -0.60 10.92 13.54
N GLY A 150 -1.12 9.77 13.93
CA GLY A 150 -1.64 8.81 12.97
C GLY A 150 -0.73 7.60 12.82
N PHE A 151 -1.23 6.65 12.01
CA PHE A 151 -0.53 5.41 11.70
C PHE A 151 -0.69 5.11 10.22
N ALA A 152 -0.14 3.98 9.79
CA ALA A 152 -0.43 3.42 8.47
C ALA A 152 -0.80 1.95 8.63
N SER A 153 -1.94 1.56 8.06
CA SER A 153 -2.36 0.16 8.14
C SER A 153 -3.12 -0.19 6.87
N CYS A 154 -3.22 -1.50 6.61
CA CYS A 154 -3.81 -1.97 5.36
C CYS A 154 -4.30 -3.39 5.56
N ALA A 155 -5.59 -3.64 5.27
CA ALA A 155 -6.12 -5.00 5.34
C ALA A 155 -5.65 -5.82 4.15
N GLU A 156 -5.77 -5.27 2.94
CA GLU A 156 -5.30 -5.91 1.73
C GLU A 156 -4.95 -4.83 0.70
N MET A 157 -3.89 -5.09 -0.05
CA MET A 157 -3.51 -4.31 -1.22
C MET A 157 -3.61 -5.21 -2.43
N GLU A 158 -4.33 -4.75 -3.46
CA GLU A 158 -4.61 -5.56 -4.65
C GLU A 158 -4.19 -4.84 -5.92
N PHE A 159 -3.69 -5.60 -6.90
CA PHE A 159 -3.31 -5.06 -8.19
C PHE A 159 -3.99 -5.88 -9.28
N PHE A 160 -4.42 -5.20 -10.35
CA PHE A 160 -5.23 -5.85 -11.36
C PHE A 160 -4.79 -5.43 -12.76
N ALA A 161 -4.95 -6.34 -13.73
CA ALA A 161 -4.88 -5.98 -15.14
C ALA A 161 -6.23 -6.23 -15.78
N LYS A 162 -6.57 -5.39 -16.75
CA LYS A 162 -7.82 -5.56 -17.51
C LYS A 162 -7.68 -6.70 -18.51
O5 A2G B . -7.64 2.90 22.92
C1 A2G B . -8.26 1.61 22.65
C2 A2G B . -8.15 1.30 21.15
N2 A2G B . -8.64 -0.09 20.91
C3 A2G B . -6.76 1.34 20.67
O3 A2G B . -6.81 1.07 19.23
C4 A2G B . -6.18 2.68 20.91
O4 A2G B . -6.96 3.63 20.18
C5 A2G B . -6.27 2.98 22.41
C6 A2G B . -5.78 4.36 22.69
O6 A2G B . -5.57 4.37 24.07
C7 A2G B . -9.99 -0.25 20.42
O7 A2G B . -10.67 0.70 20.26
C8 A2G B . -10.48 -1.66 20.13
C1 GAL B . -5.71 0.22 18.86
C2 GAL B . -6.09 -0.49 17.55
C3 GAL B . -4.92 -1.29 17.01
C4 GAL B . -3.72 -0.37 16.86
C5 GAL B . -3.40 0.26 18.21
C6 GAL B . -2.27 1.30 18.17
O2 GAL B . -7.21 -1.38 17.73
O3 GAL B . -5.23 -1.82 15.72
O4 GAL B . -4.04 0.66 15.97
O5 GAL B . -4.54 0.99 18.69
O6 GAL B . -1.98 1.73 19.50
C1 NAG B . -5.62 5.72 24.56
C2 NAG B . -5.51 5.68 26.09
C3 NAG B . -5.39 7.09 26.68
C4 NAG B . -4.35 7.92 25.93
C5 NAG B . -4.61 7.86 24.43
C6 NAG B . -3.64 8.67 23.61
C7 NAG B . -6.58 3.90 27.44
C8 NAG B . -7.87 3.34 27.94
N2 NAG B . -6.66 5.00 26.67
O3 NAG B . -5.03 7.00 28.05
O4 NAG B . -4.42 9.27 26.35
O5 NAG B . -4.54 6.49 24.01
O6 NAG B . -2.88 7.87 22.71
O7 NAG B . -5.48 3.38 27.71
C1 EDO C . -8.85 5.54 17.93
O1 EDO C . -7.96 5.80 16.84
C2 EDO C . -9.77 6.73 18.13
O2 EDO C . -11.11 6.25 18.34
H11 EDO C . -9.44 4.64 17.73
H12 EDO C . -8.27 5.35 18.85
HO1 EDO C . -7.64 4.95 16.48
H21 EDO C . -9.45 7.31 19.00
H22 EDO C . -9.74 7.38 17.26
HO2 EDO C . -11.73 6.98 18.21
N THR D . -6.93 -1.90 24.51
CA THR D . -7.92 -0.95 24.99
C THR D . -9.29 -1.27 24.41
O THR D . -10.28 -0.63 24.74
CB THR D . -7.55 0.50 24.64
OG1 THR D . -7.47 0.63 23.21
CG2 THR D . -6.21 0.85 25.26
OXT THR D . -9.42 -2.20 23.61
CA CA E . -4.91 -9.18 5.21
#